data_3E70
#
_entry.id   3E70
#
_cell.length_a   113.122
_cell.length_b   53.034
_cell.length_c   61.260
_cell.angle_alpha   90.00
_cell.angle_beta   107.42
_cell.angle_gamma   90.00
#
_symmetry.space_group_name_H-M   'C 1 2 1'
#
loop_
_entity.id
_entity.type
_entity.pdbx_description
1 polymer 'Signal recognition particle receptor'
2 non-polymer "GUANOSINE-5'-DIPHOSPHATE"
3 non-polymer 'MAGNESIUM ION'
4 water water
#
_entity_poly.entity_id   1
_entity_poly.type   'polypeptide(L)'
_entity_poly.pdbx_seq_one_letter_code
;GSHMASMFGKLREKLKSFVKRVEEEVEKEEEEVEKKGLLDRILTVEIKEKDVDKALDELEIDLLEADVALEVVDALREKI
KQKLVGKKVRIGTDKGKIIEEAVKEAVSEILETSRRIDLIEEIRKAEKPYVIMFVGFNGSGKTTTIAKLANWLKNHGFSV
VIAASDTFRAGAIEQLEEHAKRIGVKVIKHSYGADPAAVAYDAIQHAKARGIDVVLIDTAGRSETNRNLMDEMKKIARVT
KPNLVIFVGDALAGNAIVEQARQFNEAVKIDGIILTKLDADARGGAALSISYVIDAPILFVGVGQGYDDLRPFEKEWFLE
RIFGEENA
;
_entity_poly.pdbx_strand_id   C
#
# COMPACT_ATOMS: atom_id res chain seq x y z
N MET A 7 14.89 -6.99 3.40
CA MET A 7 13.65 -6.27 3.14
C MET A 7 13.45 -5.11 4.13
N PHE A 8 13.16 -3.94 3.59
CA PHE A 8 13.11 -2.71 4.36
C PHE A 8 14.42 -2.53 5.13
N GLY A 9 15.49 -3.16 4.65
CA GLY A 9 16.78 -3.07 5.30
C GLY A 9 17.22 -1.65 5.60
N LYS A 10 17.18 -0.79 4.59
CA LYS A 10 17.63 0.59 4.73
C LYS A 10 16.84 1.32 5.82
N LEU A 11 15.52 1.20 5.79
CA LEU A 11 14.67 1.78 6.82
C LEU A 11 15.10 1.27 8.19
N ARG A 12 15.19 -0.05 8.32
CA ARG A 12 15.57 -0.69 9.58
C ARG A 12 16.89 -0.11 10.11
N GLU A 13 17.88 0.03 9.26
CA GLU A 13 19.17 0.50 9.72
C GLU A 13 19.23 1.97 10.07
N LYS A 14 18.50 2.82 9.37
CA LYS A 14 18.48 4.22 9.74
C LYS A 14 17.73 4.49 11.06
N LEU A 15 16.68 3.73 11.34
CA LEU A 15 15.97 3.82 12.60
C LEU A 15 16.80 3.24 13.75
N LYS A 16 17.48 2.14 13.48
CA LYS A 16 18.36 1.53 14.48
C LYS A 16 19.54 2.44 14.81
N SER A 17 20.03 3.14 13.79
CA SER A 17 21.10 4.12 13.97
C SER A 17 20.66 5.24 14.90
N PHE A 18 19.44 5.74 14.68
CA PHE A 18 18.91 6.82 15.51
C PHE A 18 18.79 6.40 16.97
N VAL A 19 18.33 5.18 17.20
CA VAL A 19 18.17 4.65 18.55
C VAL A 19 19.53 4.68 19.28
N LYS A 20 20.46 3.86 18.81
CA LYS A 20 21.79 3.80 19.41
C LYS A 20 22.42 5.17 19.61
N ARG A 21 22.06 6.12 18.75
CA ARG A 21 22.62 7.47 18.86
C ARG A 21 22.06 8.24 20.05
N VAL A 22 20.75 8.19 20.24
CA VAL A 22 20.15 8.77 21.43
C VAL A 22 20.61 7.96 22.66
N GLU A 23 20.79 6.66 22.45
CA GLU A 23 21.22 5.77 23.51
C GLU A 23 22.61 6.15 24.03
N GLU A 24 23.45 6.68 23.14
CA GLU A 24 24.79 7.11 23.53
C GLU A 24 24.74 8.38 24.37
N GLU A 25 23.92 9.35 24.02
CA GLU A 25 23.96 10.60 24.77
C GLU A 25 23.21 10.53 26.10
N VAL A 26 22.41 9.49 26.32
CA VAL A 26 21.86 9.28 27.65
C VAL A 26 22.91 8.62 28.53
N GLU A 27 23.53 7.58 28.00
CA GLU A 27 24.66 6.89 28.59
C GLU A 27 25.69 7.86 29.19
N LYS A 28 25.95 8.94 28.47
CA LYS A 28 26.83 10.00 28.96
C LYS A 28 26.39 10.68 30.26
N GLU A 29 25.09 10.77 30.50
CA GLU A 29 24.58 11.36 31.71
C GLU A 29 24.68 10.30 32.75
N GLU A 30 24.29 9.10 32.35
CA GLU A 30 24.47 8.00 33.24
C GLU A 30 25.87 8.17 33.78
N GLU A 31 26.76 8.67 32.94
CA GLU A 31 28.18 8.77 33.29
C GLU A 31 28.46 9.91 34.27
N GLU A 32 28.16 11.15 33.89
CA GLU A 32 28.20 12.24 34.86
C GLU A 32 27.32 11.92 36.05
N VAL A 33 27.05 10.64 36.22
CA VAL A 33 26.49 10.16 37.47
C VAL A 33 27.27 8.96 38.00
N ILE A 42 20.24 9.30 42.65
CA ILE A 42 20.18 9.34 41.19
C ILE A 42 20.07 7.94 40.61
N LEU A 43 18.86 7.41 40.60
CA LEU A 43 18.61 6.04 40.16
C LEU A 43 18.09 5.99 38.74
N THR A 44 17.62 7.15 38.26
CA THR A 44 17.03 7.25 36.93
C THR A 44 17.63 8.42 36.17
N VAL A 45 17.44 8.41 34.84
CA VAL A 45 18.02 9.40 33.93
C VAL A 45 16.94 9.87 32.95
N GLU A 46 16.98 11.15 32.59
CA GLU A 46 15.98 11.72 31.70
C GLU A 46 16.52 12.07 30.32
N ILE A 47 15.73 11.77 29.28
CA ILE A 47 16.07 12.16 27.92
C ILE A 47 15.77 13.63 27.72
N LYS A 48 16.72 14.36 27.14
CA LYS A 48 16.56 15.80 26.91
C LYS A 48 16.49 16.10 25.43
N GLU A 49 16.12 17.34 25.10
CA GLU A 49 16.05 17.78 23.71
C GLU A 49 17.41 17.66 23.03
N LYS A 50 18.39 18.39 23.57
CA LYS A 50 19.74 18.38 23.02
C LYS A 50 20.14 17.00 22.52
N ASP A 51 19.84 15.98 23.32
CA ASP A 51 20.10 14.59 22.92
C ASP A 51 19.42 14.28 21.59
N VAL A 52 18.10 14.48 21.55
CA VAL A 52 17.31 14.11 20.38
C VAL A 52 17.56 15.01 19.16
N ASP A 53 17.27 16.30 19.31
CA ASP A 53 17.37 17.27 18.21
C ASP A 53 18.46 16.93 17.21
N LYS A 54 19.64 16.61 17.73
CA LYS A 54 20.78 16.33 16.88
C LYS A 54 20.61 15.01 16.18
N ALA A 55 20.27 13.97 16.91
CA ALA A 55 20.02 12.65 16.32
C ALA A 55 18.85 12.71 15.34
N LEU A 56 17.86 13.54 15.66
CA LEU A 56 16.71 13.72 14.78
C LEU A 56 17.14 14.36 13.45
N ASP A 57 18.02 15.35 13.52
CA ASP A 57 18.50 16.01 12.32
C ASP A 57 19.18 15.03 11.38
N GLU A 58 19.96 14.12 11.94
CA GLU A 58 20.60 13.07 11.16
C GLU A 58 19.54 12.14 10.57
N LEU A 59 18.55 11.80 11.38
CA LEU A 59 17.51 10.89 10.96
C LEU A 59 16.78 11.38 9.70
N GLU A 60 16.46 12.66 9.69
CA GLU A 60 15.79 13.34 8.60
C GLU A 60 16.48 13.01 7.32
N ILE A 61 17.79 13.22 7.33
CA ILE A 61 18.65 13.03 6.17
C ILE A 61 18.74 11.55 5.79
N ASP A 62 18.79 10.69 6.80
CA ASP A 62 18.81 9.26 6.57
C ASP A 62 17.52 8.78 5.91
N LEU A 63 16.38 9.20 6.44
CA LEU A 63 15.09 8.75 5.91
C LEU A 63 14.86 9.27 4.50
N LEU A 64 15.25 10.52 4.27
CA LEU A 64 15.12 11.14 2.97
C LEU A 64 16.00 10.47 1.94
N GLU A 65 16.94 9.64 2.41
CA GLU A 65 17.84 8.86 1.54
C GLU A 65 17.27 7.49 1.36
N ALA A 66 16.43 7.10 2.30
CA ALA A 66 15.78 5.81 2.20
C ALA A 66 14.51 5.94 1.36
N ASP A 67 14.25 7.16 0.88
CA ASP A 67 13.14 7.47 -0.03
C ASP A 67 11.81 7.80 0.63
N VAL A 68 11.83 8.08 1.92
CA VAL A 68 10.61 8.45 2.65
C VAL A 68 10.13 9.84 2.25
N ALA A 69 8.84 10.00 1.98
CA ALA A 69 8.28 11.28 1.57
C ALA A 69 8.55 12.37 2.62
N LEU A 70 8.82 13.59 2.17
CA LEU A 70 9.10 14.71 3.08
C LEU A 70 8.08 14.84 4.22
N GLU A 71 6.79 14.91 3.89
CA GLU A 71 5.78 15.07 4.92
C GLU A 71 5.84 13.95 5.98
N VAL A 72 6.16 12.73 5.56
CA VAL A 72 6.20 11.64 6.53
C VAL A 72 7.42 11.77 7.46
N VAL A 73 8.55 12.25 6.93
CA VAL A 73 9.72 12.44 7.78
C VAL A 73 9.45 13.52 8.84
N ASP A 74 8.69 14.55 8.45
CA ASP A 74 8.34 15.63 9.37
C ASP A 74 7.36 15.15 10.44
N ALA A 75 6.46 14.24 10.07
CA ALA A 75 5.52 13.69 11.03
C ALA A 75 6.21 12.74 12.01
N LEU A 76 7.06 11.87 11.49
CA LEU A 76 7.79 10.93 12.33
C LEU A 76 8.61 11.66 13.38
N ARG A 77 9.26 12.75 12.94
CA ARG A 77 10.12 13.53 13.81
C ARG A 77 9.33 14.11 14.97
N GLU A 78 8.13 14.60 14.67
CA GLU A 78 7.25 15.15 15.70
C GLU A 78 6.86 14.09 16.73
N LYS A 79 6.39 12.96 16.24
CA LYS A 79 5.93 11.89 17.13
C LYS A 79 7.07 11.24 17.93
N ILE A 80 8.25 11.13 17.33
CA ILE A 80 9.40 10.56 18.02
C ILE A 80 9.91 11.48 19.13
N LYS A 81 9.95 12.78 18.85
CA LYS A 81 10.41 13.75 19.83
C LYS A 81 9.49 13.74 21.04
N GLN A 82 8.19 13.83 20.76
CA GLN A 82 7.17 13.82 21.80
C GLN A 82 7.34 12.60 22.69
N LYS A 83 7.52 11.44 22.08
CA LYS A 83 7.60 10.19 22.83
C LYS A 83 8.86 10.10 23.71
N LEU A 84 9.93 10.77 23.31
CA LEU A 84 11.23 10.59 23.96
C LEU A 84 11.56 11.65 25.03
N VAL A 85 11.40 12.92 24.68
CA VAL A 85 11.79 14.01 25.57
C VAL A 85 11.04 13.95 26.90
N GLY A 86 11.78 13.80 27.99
CA GLY A 86 11.19 13.87 29.32
C GLY A 86 11.11 12.57 30.08
N LYS A 87 10.99 11.45 29.36
CA LYS A 87 10.82 10.17 30.02
C LYS A 87 12.10 9.75 30.75
N LYS A 88 11.96 9.38 32.01
CA LYS A 88 13.10 8.97 32.82
C LYS A 88 13.44 7.50 32.59
N VAL A 89 14.73 7.19 32.61
CA VAL A 89 15.18 5.82 32.40
C VAL A 89 16.05 5.34 33.57
N ARG A 90 16.41 4.06 33.55
CA ARG A 90 17.23 3.49 34.61
C ARG A 90 18.66 3.24 34.13
N ILE A 91 19.63 3.56 34.98
CA ILE A 91 21.03 3.38 34.64
C ILE A 91 21.45 1.92 34.85
N GLY A 92 22.05 1.33 33.83
CA GLY A 92 22.50 -0.04 33.89
C GLY A 92 21.48 -0.98 33.27
N GLY A 96 17.86 0.67 25.18
CA GLY A 96 17.61 0.17 23.84
C GLY A 96 16.15 -0.20 23.63
N LYS A 97 15.74 -1.30 24.24
CA LYS A 97 14.36 -1.76 24.17
C LYS A 97 13.38 -0.61 24.37
N ILE A 98 13.71 0.31 25.28
CA ILE A 98 12.81 1.41 25.58
C ILE A 98 12.76 2.46 24.50
N ILE A 99 13.92 2.88 24.03
CA ILE A 99 13.98 3.89 22.99
C ILE A 99 13.33 3.42 21.70
N GLU A 100 13.60 2.19 21.31
CA GLU A 100 13.05 1.56 20.12
C GLU A 100 11.53 1.45 20.24
N GLU A 101 11.05 1.34 21.47
CA GLU A 101 9.61 1.27 21.73
C GLU A 101 8.92 2.53 21.23
N ALA A 102 9.45 3.69 21.62
CA ALA A 102 8.86 4.96 21.21
C ALA A 102 8.88 5.11 19.70
N VAL A 103 10.00 4.73 19.08
CA VAL A 103 10.13 4.82 17.63
C VAL A 103 9.10 3.92 16.98
N LYS A 104 9.01 2.69 17.49
CA LYS A 104 8.02 1.73 17.05
C LYS A 104 6.62 2.31 17.13
N GLU A 105 6.31 2.96 18.25
CA GLU A 105 5.02 3.61 18.41
C GLU A 105 4.77 4.60 17.29
N ALA A 106 5.73 5.47 17.06
CA ALA A 106 5.60 6.50 16.03
C ALA A 106 5.29 5.87 14.68
N VAL A 107 6.05 4.85 14.31
CA VAL A 107 5.86 4.21 13.01
C VAL A 107 4.44 3.63 12.89
N SER A 108 3.98 2.97 13.94
CA SER A 108 2.61 2.45 13.96
C SER A 108 1.63 3.55 13.63
N GLU A 109 1.75 4.67 14.33
CA GLU A 109 0.81 5.76 14.20
C GLU A 109 0.82 6.41 12.82
N ILE A 110 1.97 6.39 12.15
CA ILE A 110 2.08 6.98 10.83
C ILE A 110 1.44 6.02 9.83
N LEU A 111 1.33 4.75 10.20
CA LEU A 111 0.78 3.73 9.35
C LEU A 111 -0.70 3.67 9.55
N GLU A 112 -1.17 4.37 10.56
CA GLU A 112 -2.61 4.49 10.82
C GLU A 112 -3.27 5.40 9.79
N THR A 113 -4.47 5.04 9.37
CA THR A 113 -5.22 5.83 8.40
C THR A 113 -6.57 6.27 8.97
N SER A 114 -7.09 7.37 8.41
CA SER A 114 -8.41 7.93 8.70
C SER A 114 -9.39 6.83 8.98
N ARG A 115 -9.50 5.96 8.01
CA ARG A 115 -10.48 4.88 8.01
C ARG A 115 -9.83 3.53 8.19
N ARG A 116 -10.59 2.50 8.50
CA ARG A 116 -10.09 1.15 8.39
C ARG A 116 -10.95 0.43 7.34
N ILE A 117 -10.42 -0.58 6.67
CA ILE A 117 -11.26 -1.40 5.83
C ILE A 117 -11.06 -2.82 6.24
N ASP A 118 -12.14 -3.58 6.34
CA ASP A 118 -12.04 -5.02 6.37
C ASP A 118 -12.83 -5.55 5.21
N LEU A 119 -12.11 -6.11 4.26
CA LEU A 119 -12.65 -6.51 2.97
C LEU A 119 -13.74 -7.57 3.10
N ILE A 120 -13.41 -8.69 3.73
CA ILE A 120 -14.34 -9.80 3.86
C ILE A 120 -15.63 -9.36 4.54
N GLU A 121 -15.54 -8.43 5.47
CA GLU A 121 -16.74 -8.04 6.22
C GLU A 121 -17.54 -6.96 5.53
N GLU A 122 -16.88 -6.14 4.74
CA GLU A 122 -17.59 -5.11 3.98
C GLU A 122 -18.17 -5.66 2.67
N ILE A 123 -17.89 -6.92 2.36
CA ILE A 123 -18.51 -7.58 1.22
C ILE A 123 -19.71 -8.42 1.69
N ARG A 124 -19.49 -9.24 2.72
CA ARG A 124 -20.58 -9.98 3.33
C ARG A 124 -21.73 -9.01 3.63
N LYS A 125 -21.38 -7.84 4.15
CA LYS A 125 -22.36 -6.80 4.45
C LYS A 125 -22.93 -6.19 3.18
N ALA A 126 -22.06 -5.93 2.22
CA ALA A 126 -22.44 -5.21 1.01
C ALA A 126 -23.49 -5.93 0.17
N GLU A 127 -24.20 -5.13 -0.57
CA GLU A 127 -25.22 -5.60 -1.46
C GLU A 127 -24.58 -5.94 -2.76
N LYS A 128 -24.65 -7.20 -3.12
CA LYS A 128 -23.94 -7.73 -4.23
C LYS A 128 -24.50 -7.29 -5.58
N PRO A 129 -23.64 -7.22 -6.60
CA PRO A 129 -22.24 -7.61 -6.50
C PRO A 129 -21.35 -6.47 -6.04
N TYR A 130 -20.28 -6.81 -5.37
CA TYR A 130 -19.30 -5.87 -4.88
C TYR A 130 -18.31 -5.54 -6.01
N VAL A 131 -18.20 -4.26 -6.34
CA VAL A 131 -17.39 -3.83 -7.49
C VAL A 131 -16.09 -3.15 -7.04
N ILE A 132 -14.96 -3.75 -7.42
CA ILE A 132 -13.65 -3.21 -7.07
C ILE A 132 -12.91 -2.80 -8.33
N MET A 133 -12.49 -1.54 -8.39
CA MET A 133 -11.82 -1.03 -9.56
C MET A 133 -10.35 -0.73 -9.25
N PHE A 134 -9.47 -1.18 -10.13
CA PHE A 134 -8.04 -1.05 -9.92
C PHE A 134 -7.50 0.00 -10.85
N VAL A 135 -6.51 0.74 -10.37
CA VAL A 135 -5.86 1.80 -11.12
C VAL A 135 -4.36 1.74 -10.89
N GLY A 136 -3.58 2.10 -11.90
CA GLY A 136 -2.14 2.02 -11.74
C GLY A 136 -1.43 2.07 -13.07
N PHE A 137 -0.16 2.43 -13.04
CA PHE A 137 0.62 2.53 -14.26
C PHE A 137 1.13 1.16 -14.64
N ASN A 138 1.33 0.94 -15.93
CA ASN A 138 1.84 -0.35 -16.41
C ASN A 138 3.13 -0.80 -15.70
N GLY A 139 3.16 -2.07 -15.32
CA GLY A 139 4.34 -2.67 -14.71
C GLY A 139 4.27 -2.68 -13.20
N SER A 140 3.12 -2.31 -12.66
CA SER A 140 2.98 -2.17 -11.21
C SER A 140 2.50 -3.46 -10.57
N GLY A 141 2.14 -4.43 -11.38
CA GLY A 141 1.62 -5.69 -10.88
C GLY A 141 0.11 -5.78 -10.78
N LYS A 142 -0.58 -4.89 -11.48
CA LYS A 142 -2.05 -4.86 -11.41
C LYS A 142 -2.74 -6.18 -11.78
N THR A 143 -2.53 -6.64 -13.01
CA THR A 143 -3.18 -7.86 -13.47
C THR A 143 -2.84 -9.02 -12.52
N THR A 144 -1.56 -9.19 -12.23
CA THR A 144 -1.14 -10.22 -11.28
C THR A 144 -1.90 -10.10 -9.97
N THR A 145 -1.98 -8.87 -9.46
CA THR A 145 -2.59 -8.64 -8.15
C THR A 145 -4.06 -8.96 -8.16
N ILE A 146 -4.73 -8.61 -9.25
CA ILE A 146 -6.15 -8.93 -9.40
C ILE A 146 -6.37 -10.43 -9.39
N ALA A 147 -5.48 -11.16 -10.06
CA ALA A 147 -5.54 -12.63 -10.03
C ALA A 147 -5.33 -13.17 -8.62
N LYS A 148 -4.37 -12.61 -7.89
CA LYS A 148 -4.12 -13.04 -6.50
C LYS A 148 -5.32 -12.78 -5.58
N LEU A 149 -5.95 -11.62 -5.71
CA LEU A 149 -7.09 -11.27 -4.85
C LEU A 149 -8.30 -12.14 -5.15
N ALA A 150 -8.53 -12.42 -6.43
CA ALA A 150 -9.66 -13.24 -6.83
C ALA A 150 -9.56 -14.61 -6.18
N ASN A 151 -8.37 -15.19 -6.23
CA ASN A 151 -8.10 -16.49 -5.62
C ASN A 151 -8.24 -16.44 -4.11
N TRP A 152 -7.92 -15.29 -3.55
CA TRP A 152 -7.99 -15.07 -2.10
C TRP A 152 -9.46 -15.04 -1.68
N LEU A 153 -10.27 -14.29 -2.43
CA LEU A 153 -11.69 -14.18 -2.15
C LEU A 153 -12.43 -15.51 -2.40
N LYS A 154 -11.91 -16.31 -3.32
CA LYS A 154 -12.49 -17.59 -3.60
C LYS A 154 -12.24 -18.54 -2.45
N ASN A 155 -11.02 -18.48 -1.93
CA ASN A 155 -10.61 -19.27 -0.78
C ASN A 155 -11.37 -18.94 0.49
N HIS A 156 -12.03 -17.79 0.52
CA HIS A 156 -12.79 -17.40 1.70
C HIS A 156 -14.29 -17.42 1.44
N GLY A 157 -14.70 -18.25 0.48
CA GLY A 157 -16.11 -18.51 0.23
C GLY A 157 -16.81 -17.50 -0.66
N PHE A 158 -16.05 -16.66 -1.35
CA PHE A 158 -16.65 -15.62 -2.18
C PHE A 158 -16.61 -15.95 -3.67
N SER A 159 -17.71 -15.78 -4.37
CA SER A 159 -17.67 -15.97 -5.80
C SER A 159 -17.27 -14.67 -6.43
N VAL A 160 -16.36 -14.75 -7.38
CA VAL A 160 -15.78 -13.59 -8.06
C VAL A 160 -15.63 -13.75 -9.59
N VAL A 161 -15.69 -12.63 -10.29
CA VAL A 161 -15.49 -12.58 -11.74
C VAL A 161 -14.68 -11.33 -12.10
N ILE A 162 -13.85 -11.45 -13.13
CA ILE A 162 -12.96 -10.36 -13.51
C ILE A 162 -13.37 -9.74 -14.85
N ALA A 163 -13.29 -8.41 -14.92
CA ALA A 163 -13.54 -7.70 -16.16
C ALA A 163 -12.24 -7.35 -16.87
N ALA A 164 -12.09 -7.76 -18.13
CA ALA A 164 -10.92 -7.41 -18.93
C ALA A 164 -11.09 -6.03 -19.58
N SER A 165 -10.83 -4.98 -18.80
CA SER A 165 -11.03 -3.61 -19.29
C SER A 165 -9.74 -2.95 -19.73
N ASP A 166 -8.69 -3.74 -19.90
CA ASP A 166 -7.45 -3.31 -20.50
C ASP A 166 -7.56 -3.79 -21.94
N THR A 167 -8.08 -2.94 -22.80
CA THR A 167 -8.54 -3.35 -24.12
C THR A 167 -7.72 -2.83 -25.30
N PHE A 168 -6.75 -1.95 -25.03
CA PHE A 168 -5.95 -1.34 -26.08
C PHE A 168 -4.47 -1.71 -26.05
N ARG A 169 -4.12 -2.67 -25.23
CA ARG A 169 -2.75 -3.14 -25.16
C ARG A 169 -2.80 -4.55 -25.69
N ALA A 170 -2.07 -4.81 -26.76
CA ALA A 170 -2.20 -6.08 -27.45
C ALA A 170 -1.74 -7.19 -26.56
N GLY A 171 -2.61 -8.18 -26.40
CA GLY A 171 -2.32 -9.31 -25.54
C GLY A 171 -2.81 -9.30 -24.10
N ALA A 172 -3.22 -8.16 -23.56
CA ALA A 172 -3.53 -8.05 -22.15
C ALA A 172 -4.72 -8.92 -21.79
N ILE A 173 -5.70 -9.01 -22.70
CA ILE A 173 -6.88 -9.83 -22.47
C ILE A 173 -6.51 -11.30 -22.36
N GLU A 174 -5.57 -11.74 -23.21
CA GLU A 174 -5.16 -13.14 -23.24
C GLU A 174 -4.29 -13.43 -22.03
N GLN A 175 -3.48 -12.43 -21.67
CA GLN A 175 -2.62 -12.50 -20.50
C GLN A 175 -3.46 -12.69 -19.25
N LEU A 176 -4.54 -11.92 -19.12
CA LEU A 176 -5.45 -12.05 -18.00
C LEU A 176 -6.24 -13.36 -18.06
N GLU A 177 -6.64 -13.77 -19.26
CA GLU A 177 -7.36 -15.02 -19.44
C GLU A 177 -6.57 -16.22 -18.93
N GLU A 178 -5.27 -16.20 -19.15
CA GLU A 178 -4.43 -17.29 -18.71
C GLU A 178 -4.19 -17.26 -17.22
N HIS A 179 -4.26 -16.08 -16.61
CA HIS A 179 -4.12 -15.96 -15.17
C HIS A 179 -5.35 -16.58 -14.52
N ALA A 180 -6.51 -16.29 -15.09
CA ALA A 180 -7.79 -16.66 -14.50
C ALA A 180 -8.11 -18.14 -14.67
N LYS A 181 -7.56 -18.74 -15.72
CA LYS A 181 -7.73 -20.18 -15.93
C LYS A 181 -7.06 -20.93 -14.79
N ARG A 182 -5.81 -20.60 -14.52
CA ARG A 182 -5.00 -21.13 -13.44
C ARG A 182 -5.73 -21.17 -12.12
N ILE A 183 -6.43 -20.09 -11.79
CA ILE A 183 -7.13 -19.96 -10.53
C ILE A 183 -8.60 -20.28 -10.66
N GLY A 184 -9.04 -20.65 -11.83
CA GLY A 184 -10.43 -21.00 -12.07
C GLY A 184 -11.43 -19.89 -11.76
N VAL A 185 -11.19 -18.70 -12.32
CA VAL A 185 -12.13 -17.60 -12.19
C VAL A 185 -12.62 -17.14 -13.57
N LYS A 186 -13.90 -16.81 -13.67
CA LYS A 186 -14.47 -16.36 -14.94
C LYS A 186 -14.08 -14.96 -15.34
N VAL A 187 -13.69 -14.82 -16.58
CA VAL A 187 -13.32 -13.51 -17.12
C VAL A 187 -14.43 -13.01 -18.06
N ILE A 188 -14.99 -11.84 -17.76
CA ILE A 188 -15.92 -11.20 -18.68
C ILE A 188 -15.14 -10.23 -19.57
N LYS A 189 -15.27 -10.38 -20.88
CA LYS A 189 -14.55 -9.55 -21.80
C LYS A 189 -15.35 -9.17 -23.04
N HIS A 190 -14.80 -8.30 -23.85
CA HIS A 190 -15.23 -8.11 -25.23
C HIS A 190 -14.14 -8.61 -26.16
N SER A 191 -13.36 -7.72 -26.68
CA SER A 191 -12.27 -8.05 -27.59
C SER A 191 -11.29 -6.88 -27.72
N TYR A 192 -10.20 -7.05 -28.41
CA TYR A 192 -9.26 -5.96 -28.63
C TYR A 192 -9.94 -4.79 -29.33
N GLY A 193 -9.75 -3.59 -28.79
CA GLY A 193 -10.30 -2.39 -29.41
C GLY A 193 -11.60 -1.92 -28.80
N ALA A 194 -12.19 -2.75 -27.94
CA ALA A 194 -13.49 -2.45 -27.34
C ALA A 194 -13.45 -1.32 -26.32
N ASP A 195 -14.63 -0.92 -25.87
CA ASP A 195 -14.78 0.13 -24.86
C ASP A 195 -14.59 -0.41 -23.43
N PRO A 196 -13.51 0.05 -22.77
CA PRO A 196 -13.18 -0.51 -21.45
C PRO A 196 -14.35 -0.44 -20.47
N ALA A 197 -15.12 0.65 -20.51
CA ALA A 197 -16.20 0.79 -19.55
C ALA A 197 -17.35 -0.16 -19.82
N ALA A 198 -17.62 -0.41 -21.10
CA ALA A 198 -18.69 -1.32 -21.50
C ALA A 198 -18.42 -2.77 -21.06
N VAL A 199 -17.16 -3.20 -21.21
CA VAL A 199 -16.74 -4.51 -20.71
C VAL A 199 -17.11 -4.64 -19.24
N ALA A 200 -16.76 -3.63 -18.45
CA ALA A 200 -16.99 -3.66 -17.01
C ALA A 200 -18.46 -3.58 -16.68
N TYR A 201 -19.19 -2.76 -17.44
CA TYR A 201 -20.64 -2.70 -17.26
C TYR A 201 -21.20 -4.10 -17.45
N ASP A 202 -20.82 -4.74 -18.55
CA ASP A 202 -21.23 -6.11 -18.84
C ASP A 202 -20.94 -7.06 -17.69
N ALA A 203 -19.73 -6.98 -17.13
CA ALA A 203 -19.32 -7.88 -16.06
C ALA A 203 -20.21 -7.70 -14.84
N ILE A 204 -20.59 -6.45 -14.57
CA ILE A 204 -21.49 -6.16 -13.46
C ILE A 204 -22.89 -6.71 -13.72
N GLN A 205 -23.43 -6.45 -14.91
CA GLN A 205 -24.75 -6.99 -15.26
C GLN A 205 -24.75 -8.51 -15.18
N HIS A 206 -23.65 -9.10 -15.65
CA HIS A 206 -23.45 -10.55 -15.57
C HIS A 206 -23.59 -11.06 -14.14
N ALA A 207 -22.90 -10.40 -13.20
CA ALA A 207 -22.87 -10.87 -11.81
C ALA A 207 -24.21 -10.66 -11.11
N LYS A 208 -24.93 -9.61 -11.47
CA LYS A 208 -26.27 -9.40 -10.93
C LYS A 208 -27.15 -10.60 -11.27
N ALA A 209 -27.04 -11.11 -12.48
CA ALA A 209 -27.88 -12.19 -12.94
C ALA A 209 -27.50 -13.55 -12.37
N ARG A 210 -26.22 -13.84 -11.95
CA ARG A 210 -25.67 -15.12 -11.54
C ARG A 210 -25.61 -15.21 -10.05
N GLY A 211 -25.89 -13.95 -9.60
CA GLY A 211 -25.80 -13.83 -8.16
C GLY A 211 -24.38 -14.06 -7.69
N ILE A 212 -23.44 -13.35 -8.31
CA ILE A 212 -22.03 -13.47 -7.97
C ILE A 212 -21.64 -12.39 -6.95
N ASP A 213 -20.81 -12.76 -5.98
CA ASP A 213 -20.45 -11.86 -4.88
C ASP A 213 -19.71 -10.59 -5.33
N VAL A 214 -18.59 -10.77 -6.04
CA VAL A 214 -17.70 -9.66 -6.34
C VAL A 214 -17.22 -9.59 -7.80
N VAL A 215 -17.09 -8.37 -8.30
CA VAL A 215 -16.48 -8.11 -9.60
C VAL A 215 -15.18 -7.35 -9.41
N LEU A 216 -14.15 -7.75 -10.13
CA LEU A 216 -12.88 -7.06 -10.11
C LEU A 216 -12.62 -6.58 -11.52
N ILE A 217 -12.19 -5.33 -11.67
CA ILE A 217 -11.93 -4.70 -12.94
C ILE A 217 -10.43 -4.45 -13.16
N ASP A 218 -9.83 -5.11 -14.15
CA ASP A 218 -8.47 -4.83 -14.56
C ASP A 218 -8.51 -3.66 -15.53
N THR A 219 -7.53 -2.80 -15.46
N THR A 219 -7.60 -2.73 -15.46
CA THR A 219 -7.62 -1.54 -16.13
CA THR A 219 -7.70 -1.47 -16.13
C THR A 219 -6.33 -1.20 -16.88
C THR A 219 -6.40 -1.13 -16.88
N ALA A 220 -6.41 -0.32 -17.86
CA ALA A 220 -5.26 0.15 -18.62
C ALA A 220 -4.25 0.87 -17.73
N GLY A 221 -3.00 0.94 -18.18
CA GLY A 221 -1.92 1.48 -17.36
C GLY A 221 -1.05 2.51 -18.06
N ARG A 222 -1.48 2.91 -19.27
N ARG A 222 -1.55 2.98 -19.26
CA ARG A 222 -0.72 3.86 -20.07
CA ARG A 222 -0.79 3.93 -20.06
C ARG A 222 -1.65 4.75 -20.90
C ARG A 222 -1.72 4.82 -20.89
N SER A 223 -1.16 5.91 -21.36
CA SER A 223 -1.93 6.83 -22.19
C SER A 223 -1.91 6.49 -23.68
N GLU A 224 -3.02 6.72 -24.36
CA GLU A 224 -3.08 6.40 -25.78
C GLU A 224 -3.39 7.62 -26.64
N THR A 225 -2.89 7.60 -27.87
CA THR A 225 -3.13 8.63 -28.86
C THR A 225 -4.42 9.35 -28.53
N ASN A 226 -5.51 8.64 -28.65
CA ASN A 226 -6.73 9.23 -28.17
C ASN A 226 -6.96 8.64 -26.80
N ARG A 227 -6.94 9.46 -25.76
CA ARG A 227 -7.20 8.84 -24.47
C ARG A 227 -6.88 9.61 -23.21
N ASN A 228 -5.62 9.71 -22.87
CA ASN A 228 -5.28 10.18 -21.55
C ASN A 228 -5.85 9.22 -20.52
N LEU A 229 -4.96 8.56 -19.80
CA LEU A 229 -5.34 7.53 -18.88
C LEU A 229 -6.26 8.01 -17.77
N MET A 230 -6.00 9.18 -17.21
CA MET A 230 -6.84 9.68 -16.14
C MET A 230 -8.27 9.90 -16.62
N ASP A 231 -8.41 10.41 -17.84
CA ASP A 231 -9.74 10.56 -18.46
C ASP A 231 -10.46 9.22 -18.50
N GLU A 232 -9.77 8.20 -18.99
CA GLU A 232 -10.27 6.82 -19.05
C GLU A 232 -10.73 6.25 -17.74
N MET A 233 -9.96 6.45 -16.68
CA MET A 233 -10.33 5.93 -15.37
C MET A 233 -11.59 6.63 -14.86
N LYS A 234 -11.67 7.93 -15.09
CA LYS A 234 -12.87 8.70 -14.78
C LYS A 234 -14.09 8.09 -15.47
N LYS A 235 -14.00 7.95 -16.79
CA LYS A 235 -15.07 7.32 -17.56
C LYS A 235 -15.53 6.01 -16.94
N ILE A 236 -14.59 5.08 -16.71
CA ILE A 236 -14.93 3.76 -16.17
C ILE A 236 -15.55 3.89 -14.79
N ALA A 237 -14.93 4.70 -13.93
CA ALA A 237 -15.45 4.90 -12.59
C ALA A 237 -16.92 5.34 -12.63
N ARG A 238 -17.23 6.29 -13.48
CA ARG A 238 -18.62 6.79 -13.55
C ARG A 238 -19.62 5.73 -13.99
N VAL A 239 -19.23 4.92 -14.98
CA VAL A 239 -20.12 3.87 -15.50
C VAL A 239 -20.36 2.77 -14.45
N THR A 240 -19.30 2.39 -13.74
CA THR A 240 -19.33 1.22 -12.85
C THR A 240 -19.72 1.49 -11.39
N LYS A 241 -19.58 2.73 -10.92
N LYS A 241 -19.56 2.70 -10.91
CA LYS A 241 -19.89 3.04 -9.52
CA LYS A 241 -19.88 3.03 -9.52
C LYS A 241 -19.19 2.12 -8.52
C LYS A 241 -19.17 2.14 -8.50
N PRO A 242 -17.86 1.99 -8.62
CA PRO A 242 -17.16 1.02 -7.78
C PRO A 242 -17.48 1.18 -6.30
N ASN A 243 -17.73 0.07 -5.60
CA ASN A 243 -17.75 0.08 -4.14
C ASN A 243 -16.39 0.49 -3.58
N LEU A 244 -15.34 0.20 -4.34
CA LEU A 244 -13.97 0.36 -3.85
C LEU A 244 -12.99 0.55 -5.01
N VAL A 245 -12.10 1.53 -4.84
CA VAL A 245 -11.08 1.84 -5.81
C VAL A 245 -9.72 1.52 -5.18
N ILE A 246 -8.97 0.62 -5.80
CA ILE A 246 -7.68 0.23 -5.27
C ILE A 246 -6.55 0.69 -6.19
N PHE A 247 -5.61 1.44 -5.63
CA PHE A 247 -4.39 1.79 -6.37
C PHE A 247 -3.30 0.73 -6.17
N VAL A 248 -2.72 0.28 -7.28
CA VAL A 248 -1.66 -0.72 -7.21
C VAL A 248 -0.33 -0.07 -7.53
N GLY A 249 0.60 -0.16 -6.59
CA GLY A 249 1.91 0.43 -6.79
C GLY A 249 3.07 -0.52 -6.50
N ASP A 250 4.12 -0.43 -7.29
CA ASP A 250 5.32 -1.27 -7.23
C ASP A 250 6.29 -0.71 -6.20
N ALA A 251 6.40 -1.35 -5.05
CA ALA A 251 7.30 -0.89 -4.00
C ALA A 251 8.69 -0.50 -4.49
N LEU A 252 9.21 -1.26 -5.45
CA LEU A 252 10.58 -1.03 -5.93
C LEU A 252 10.72 0.33 -6.62
N ALA A 253 9.60 0.85 -7.15
CA ALA A 253 9.62 2.16 -7.81
C ALA A 253 9.91 3.33 -6.88
N GLY A 254 9.93 3.08 -5.56
CA GLY A 254 10.26 4.13 -4.60
C GLY A 254 9.23 5.25 -4.52
N ASN A 255 9.69 6.45 -4.18
CA ASN A 255 8.79 7.58 -3.97
C ASN A 255 7.94 7.91 -5.20
N ALA A 256 8.37 7.43 -6.36
CA ALA A 256 7.60 7.60 -7.59
C ALA A 256 6.19 7.05 -7.42
N ILE A 257 6.07 6.04 -6.56
CA ILE A 257 4.81 5.37 -6.26
C ILE A 257 3.79 6.35 -5.67
N VAL A 258 4.29 7.30 -4.88
CA VAL A 258 3.44 8.23 -4.16
C VAL A 258 2.92 9.29 -5.11
N GLU A 259 3.82 9.84 -5.92
CA GLU A 259 3.44 10.81 -6.92
C GLU A 259 2.44 10.20 -7.90
N GLN A 260 2.58 8.90 -8.18
CA GLN A 260 1.64 8.19 -9.03
C GLN A 260 0.26 8.14 -8.39
N ALA A 261 0.21 7.69 -7.14
CA ALA A 261 -1.05 7.65 -6.43
C ALA A 261 -1.70 9.04 -6.37
N ARG A 262 -0.91 10.05 -6.08
CA ARG A 262 -1.40 11.40 -6.07
C ARG A 262 -2.18 11.70 -7.33
N GLN A 263 -1.65 11.35 -8.50
CA GLN A 263 -2.26 11.63 -9.79
C GLN A 263 -3.59 10.92 -9.96
N PHE A 264 -3.59 9.62 -9.68
CA PHE A 264 -4.83 8.83 -9.74
C PHE A 264 -5.89 9.36 -8.76
N ASN A 265 -5.45 9.81 -7.59
CA ASN A 265 -6.34 10.23 -6.52
C ASN A 265 -7.13 11.48 -6.88
N GLU A 266 -6.60 12.28 -7.79
CA GLU A 266 -7.31 13.46 -8.19
C GLU A 266 -8.21 13.22 -9.39
N ALA A 267 -8.03 12.09 -10.05
CA ALA A 267 -8.94 11.70 -11.12
C ALA A 267 -10.13 10.91 -10.55
N VAL A 268 -9.80 9.96 -9.70
CA VAL A 268 -10.77 9.09 -9.04
C VAL A 268 -10.23 8.79 -7.66
N LYS A 269 -11.04 9.06 -6.63
CA LYS A 269 -10.56 8.91 -5.27
C LYS A 269 -10.15 7.47 -4.97
N ILE A 270 -8.99 7.32 -4.33
CA ILE A 270 -8.46 6.00 -3.99
C ILE A 270 -8.92 5.59 -2.61
N ASP A 271 -9.52 4.44 -2.47
CA ASP A 271 -9.96 3.98 -1.17
C ASP A 271 -8.94 3.09 -0.47
N GLY A 272 -8.18 2.34 -1.24
CA GLY A 272 -7.25 1.36 -0.69
C GLY A 272 -6.07 1.15 -1.61
N ILE A 273 -5.00 0.61 -1.03
CA ILE A 273 -3.73 0.42 -1.73
C ILE A 273 -3.24 -1.01 -1.67
N ILE A 274 -2.67 -1.49 -2.78
CA ILE A 274 -1.92 -2.74 -2.78
C ILE A 274 -0.54 -2.46 -3.35
N LEU A 275 0.48 -2.67 -2.53
CA LEU A 275 1.86 -2.49 -2.97
C LEU A 275 2.38 -3.86 -3.38
N THR A 276 3.20 -3.90 -4.42
CA THR A 276 3.70 -5.17 -4.96
C THR A 276 5.22 -5.24 -4.87
N LYS A 277 5.77 -6.41 -5.10
CA LYS A 277 7.22 -6.60 -5.11
C LYS A 277 7.92 -6.24 -3.79
N LEU A 278 7.26 -6.43 -2.66
N LEU A 278 7.27 -6.46 -2.66
CA LEU A 278 7.92 -6.22 -1.37
CA LEU A 278 7.92 -6.23 -1.38
C LEU A 278 9.07 -7.23 -1.19
C LEU A 278 9.05 -7.24 -1.19
N ASP A 279 8.92 -8.39 -1.82
CA ASP A 279 9.96 -9.42 -1.78
C ASP A 279 11.32 -8.89 -2.24
N ALA A 280 11.29 -7.82 -3.03
CA ALA A 280 12.54 -7.27 -3.55
C ALA A 280 12.84 -5.87 -3.04
N ASP A 281 12.06 -5.39 -2.07
CA ASP A 281 12.20 -4.03 -1.56
C ASP A 281 13.20 -3.96 -0.41
N ALA A 282 14.41 -3.49 -0.71
CA ALA A 282 15.48 -3.38 0.27
C ALA A 282 15.42 -2.03 0.99
N ARG A 283 14.47 -1.20 0.63
CA ARG A 283 14.44 0.16 1.14
C ARG A 283 13.33 0.50 2.10
N GLY A 284 12.09 0.35 1.66
CA GLY A 284 10.92 0.48 2.50
C GLY A 284 10.36 1.88 2.66
N GLY A 285 11.05 2.86 2.16
CA GLY A 285 10.61 4.22 2.33
C GLY A 285 9.23 4.55 1.80
N ALA A 286 8.87 4.00 0.65
CA ALA A 286 7.57 4.27 0.07
C ALA A 286 6.48 3.52 0.76
N ALA A 287 6.70 2.26 1.02
CA ALA A 287 5.75 1.49 1.77
C ALA A 287 5.44 2.14 3.11
N LEU A 288 6.40 2.84 3.70
CA LEU A 288 6.15 3.52 4.96
C LEU A 288 5.39 4.82 4.76
N SER A 289 5.63 5.50 3.66
CA SER A 289 5.09 6.83 3.44
C SER A 289 3.76 6.88 2.70
N ILE A 290 3.45 5.88 1.90
CA ILE A 290 2.34 6.02 0.99
C ILE A 290 1.09 5.90 1.79
N SER A 291 1.06 5.10 2.84
CA SER A 291 -0.36 5.16 3.38
C SER A 291 -0.89 6.50 4.00
N TYR A 292 0.01 7.26 4.57
CA TYR A 292 -0.05 8.55 5.24
C TYR A 292 -0.27 9.67 4.22
N VAL A 293 0.50 9.65 3.15
CA VAL A 293 0.38 10.71 2.14
C VAL A 293 -0.99 10.69 1.45
N ILE A 294 -1.52 9.51 1.18
CA ILE A 294 -2.77 9.39 0.42
C ILE A 294 -4.01 9.27 1.33
N ASP A 295 -3.77 8.95 2.60
CA ASP A 295 -4.84 8.74 3.57
C ASP A 295 -5.76 7.59 3.15
N ALA A 296 -5.16 6.51 2.66
CA ALA A 296 -5.90 5.28 2.40
C ALA A 296 -5.07 4.12 2.92
N PRO A 297 -5.73 3.10 3.49
CA PRO A 297 -4.99 1.97 4.06
C PRO A 297 -4.38 1.06 3.00
N ILE A 298 -3.26 0.45 3.33
CA ILE A 298 -2.74 -0.65 2.53
C ILE A 298 -3.50 -1.90 2.93
N LEU A 299 -4.11 -2.57 1.96
CA LEU A 299 -4.98 -3.72 2.24
C LEU A 299 -4.23 -5.04 2.11
N PHE A 300 -3.37 -5.13 1.10
CA PHE A 300 -2.55 -6.31 0.87
C PHE A 300 -1.17 -5.89 0.37
N VAL A 301 -0.21 -6.80 0.44
CA VAL A 301 1.08 -6.58 -0.18
C VAL A 301 1.46 -7.80 -1.02
N GLY A 302 2.11 -7.57 -2.16
CA GLY A 302 2.54 -8.64 -3.01
C GLY A 302 3.94 -9.05 -2.58
N VAL A 303 4.18 -10.35 -2.47
CA VAL A 303 5.48 -10.83 -2.02
C VAL A 303 6.01 -11.92 -2.91
N GLY A 304 5.75 -11.84 -4.20
CA GLY A 304 6.12 -12.88 -5.13
C GLY A 304 5.22 -12.97 -6.34
N GLN A 305 5.54 -13.92 -7.24
CA GLN A 305 4.83 -14.10 -8.48
C GLN A 305 3.85 -15.24 -8.43
N GLY A 306 3.80 -15.92 -7.30
CA GLY A 306 2.82 -16.98 -7.09
C GLY A 306 1.45 -16.41 -6.76
N TYR A 307 0.39 -17.12 -7.14
CA TYR A 307 -0.97 -16.65 -6.90
C TYR A 307 -1.33 -16.58 -5.42
N ASP A 308 -0.48 -17.13 -4.57
CA ASP A 308 -0.72 -17.06 -3.14
C ASP A 308 0.26 -16.10 -2.49
N ASP A 309 1.11 -15.48 -3.29
CA ASP A 309 2.04 -14.48 -2.79
C ASP A 309 1.37 -13.13 -2.52
N LEU A 310 0.27 -13.17 -1.79
CA LEU A 310 -0.47 -11.97 -1.44
C LEU A 310 -0.76 -12.07 0.06
N ARG A 311 -0.60 -10.98 0.77
CA ARG A 311 -0.75 -11.05 2.19
C ARG A 311 -1.55 -9.90 2.75
N PRO A 312 -2.67 -10.19 3.42
CA PRO A 312 -3.43 -9.14 4.09
C PRO A 312 -2.47 -8.32 4.92
N PHE A 313 -2.51 -7.00 4.78
CA PHE A 313 -1.56 -6.14 5.46
C PHE A 313 -1.96 -5.94 6.91
N GLU A 314 -0.95 -5.84 7.78
CA GLU A 314 -1.16 -5.56 9.19
C GLU A 314 0.06 -4.84 9.73
N LYS A 315 -0.17 -3.74 10.44
CA LYS A 315 0.92 -2.94 11.00
C LYS A 315 1.94 -3.84 11.69
N GLU A 316 1.46 -4.85 12.40
CA GLU A 316 2.36 -5.73 13.13
C GLU A 316 3.30 -6.47 12.18
N TRP A 317 2.82 -6.95 11.05
CA TRP A 317 3.70 -7.61 10.07
C TRP A 317 4.75 -6.68 9.57
N PHE A 318 4.40 -5.40 9.46
CA PHE A 318 5.35 -4.41 8.96
C PHE A 318 6.42 -4.07 9.98
N LEU A 319 5.99 -3.75 11.19
CA LEU A 319 6.88 -3.41 12.30
C LEU A 319 7.77 -4.59 12.66
N GLU A 320 7.17 -5.77 12.67
CA GLU A 320 7.90 -7.00 12.92
C GLU A 320 9.04 -7.13 11.92
N ARG A 321 9.02 -6.32 10.86
CA ARG A 321 10.02 -6.43 9.82
C ARG A 321 11.06 -5.33 9.76
N ILE A 322 10.81 -4.22 10.45
CA ILE A 322 11.78 -3.14 10.52
C ILE A 322 12.36 -2.97 11.93
N PHE A 323 12.17 -3.98 12.77
CA PHE A 323 12.65 -3.90 14.15
C PHE A 323 13.24 -5.22 14.66
N GLY A 324 12.38 -6.20 14.89
CA GLY A 324 12.82 -7.48 15.43
C GLY A 324 12.83 -8.61 14.42
#